data_8S5Z
#
_entry.id   8S5Z
#
_cell.length_a   1.00
_cell.length_b   1.00
_cell.length_c   1.00
_cell.angle_alpha   90.00
_cell.angle_beta   90.00
_cell.angle_gamma   90.00
#
_symmetry.space_group_name_H-M   'P 1'
#
loop_
_entity.id
_entity.type
_entity.pdbx_description
1 polymer Nb3.3
2 polymer 'Thiamine transporter 2'
3 non-polymer 2-acetamido-2-deoxy-beta-D-glucopyranose
4 non-polymer Hydroxychloroquine
#
loop_
_entity_poly.entity_id
_entity_poly.type
_entity_poly.pdbx_seq_one_letter_code
_entity_poly.pdbx_strand_id
1 'polypeptide(L)'
;QVQLVESGGGLVQAGDSLRLSCAASGRTFSNYYMAWFRQAPGKEREFVAAIRLSYGSTYYADSVRGRFTISKDNAKNTVN
LRMNSLKSEDTAIYYCAAAEDRWALAVRTATTYNYWGQGTQVTVSSHHHHHHEPEA
;
B
2 'polypeptide(L)'
;MDCYRTSLSSSWIYPTVILCLFGFFSMMRPSEPFLIPYLSGPDKNLTSAEITNEIFPVWTYSYLVLLLPVFVLTDYVRYK
PVIILQGISFIITWLLLLFGQGVKTMQVVEFFYGMVTAAEVAYYAYIYSVVSPEHYQRVSGYCRSVTLAAYTAGSVLAQL
LVSLANMSYFYLNVISLASVSVAFLFSLFLPMPKKSMFFHAKPSREIKKSSSVNPVLEETHEGEAPGCEEQKPTSEILST
SGKLNKGQLNSLKPSNVTVDVFVQWFQDLKECYSSKRLFYWSLWWAFATAGFNQVLNYVQILWDYKAPSQDSSIYNGAVE
AIATFGGAVAAFAVGYVKVNWDLLGELALVVFSVVNAGSLFLMHYTANIWACYAGYLIFKSSYMLLITIAVFQIAVNLNV
ERYALVFGINTFIALVIQTIMTVIVVDQRGLNLPVSIQFLVYGSYFAVIAGIFLMRSMYITYSTKSQKDVQSPAPSENPD
VSHPEEESNIIMSTKLLEVLFQGPSSGWSHPQFEKGGGSGGGSGGSAWSHPQFEK
;
A
#
loop_
_chem_comp.id
_chem_comp.type
_chem_comp.name
_chem_comp.formula
A1H5D non-polymer Hydroxychloroquine 'C18 H26 Cl N3 O'
NAG D-saccharide, beta linking 2-acetamido-2-deoxy-beta-D-glucopyranose 'C8 H15 N O6'
#
# COMPACT_ATOMS: atom_id res chain seq x y z
N GLN A 1 -34.06 0.48 23.05
CA GLN A 1 -32.89 -0.12 23.69
C GLN A 1 -32.49 -1.42 23.01
N VAL A 2 -31.19 -1.59 22.79
CA VAL A 2 -30.66 -2.80 22.19
C VAL A 2 -30.54 -3.88 23.26
N GLN A 3 -30.72 -5.14 22.84
CA GLN A 3 -30.54 -6.28 23.74
C GLN A 3 -29.81 -7.36 22.97
N LEU A 4 -28.61 -7.72 23.44
CA LEU A 4 -27.82 -8.77 22.82
C LEU A 4 -27.88 -10.02 23.69
N VAL A 5 -28.20 -11.15 23.07
CA VAL A 5 -28.33 -12.42 23.79
C VAL A 5 -27.44 -13.45 23.12
N GLU A 6 -26.57 -14.07 23.89
CA GLU A 6 -25.66 -15.04 23.34
C GLU A 6 -26.10 -16.46 23.68
N SER A 7 -25.75 -17.41 22.84
CA SER A 7 -26.06 -18.82 23.05
C SER A 7 -24.98 -19.65 22.36
N GLY A 8 -24.88 -20.91 22.76
CA GLY A 8 -24.00 -21.87 22.15
C GLY A 8 -22.87 -22.35 23.03
N GLY A 9 -22.34 -21.50 23.90
CA GLY A 9 -21.16 -21.87 24.66
C GLY A 9 -21.41 -23.06 25.57
N GLY A 10 -20.36 -23.82 25.81
CA GLY A 10 -20.45 -24.98 26.68
C GLY A 10 -19.11 -25.65 26.85
N LEU A 11 -19.15 -26.83 27.46
CA LEU A 11 -17.96 -27.63 27.70
C LEU A 11 -17.66 -28.45 26.43
N VAL A 12 -16.47 -28.25 25.88
CA VAL A 12 -16.05 -28.92 24.65
C VAL A 12 -14.64 -29.46 24.85
N GLN A 13 -14.43 -30.71 24.44
CA GLN A 13 -13.10 -31.31 24.56
C GLN A 13 -12.13 -30.60 23.63
N ALA A 14 -10.88 -30.47 24.10
CA ALA A 14 -9.90 -29.71 23.34
C ALA A 14 -9.71 -30.30 21.95
N GLY A 15 -9.65 -29.42 20.96
CA GLY A 15 -9.46 -29.81 19.57
C GLY A 15 -10.73 -29.86 18.75
N ASP A 16 -11.90 -29.85 19.38
CA ASP A 16 -13.16 -29.88 18.65
C ASP A 16 -13.52 -28.46 18.22
N SER A 17 -14.75 -28.31 17.73
CA SER A 17 -15.21 -27.00 17.30
C SER A 17 -16.51 -26.66 18.00
N LEU A 18 -16.89 -25.38 17.94
CA LEU A 18 -18.12 -24.94 18.59
C LEU A 18 -18.57 -23.63 17.94
N ARG A 19 -19.89 -23.46 17.87
CA ARG A 19 -20.51 -22.30 17.24
C ARG A 19 -21.27 -21.50 18.29
N LEU A 20 -21.00 -20.20 18.34
CA LEU A 20 -21.69 -19.27 19.23
C LEU A 20 -22.51 -18.32 18.39
N SER A 21 -23.71 -17.97 18.89
CA SER A 21 -24.60 -17.07 18.17
C SER A 21 -25.02 -15.94 19.10
N CYS A 22 -24.93 -14.71 18.60
CA CYS A 22 -25.38 -13.52 19.34
C CYS A 22 -26.51 -12.90 18.55
N ALA A 23 -27.70 -12.87 19.15
CA ALA A 23 -28.89 -12.30 18.53
C ALA A 23 -29.15 -10.93 19.13
N ALA A 24 -29.26 -9.92 18.27
CA ALA A 24 -29.58 -8.57 18.72
C ALA A 24 -31.03 -8.24 18.43
N SER A 25 -31.69 -7.64 19.41
CA SER A 25 -33.11 -7.31 19.30
C SER A 25 -33.35 -5.95 19.93
N GLY A 26 -34.58 -5.47 19.79
CA GLY A 26 -34.94 -4.16 20.28
C GLY A 26 -34.70 -3.02 19.32
N ARG A 27 -34.17 -3.30 18.13
CA ARG A 27 -33.92 -2.24 17.14
C ARG A 27 -33.67 -2.90 15.80
N THR A 28 -33.60 -2.08 14.76
CA THR A 28 -33.23 -2.52 13.43
C THR A 28 -31.72 -2.39 13.27
N PHE A 29 -31.04 -3.52 13.13
CA PHE A 29 -29.58 -3.58 13.19
C PHE A 29 -29.04 -3.70 11.77
N SER A 30 -28.63 -2.57 11.18
CA SER A 30 -28.04 -2.54 9.86
C SER A 30 -26.80 -1.67 9.75
N ASN A 31 -26.55 -0.81 10.75
CA ASN A 31 -25.40 0.08 10.75
C ASN A 31 -24.63 -0.04 12.05
N TYR A 32 -24.43 -1.25 12.54
CA TYR A 32 -23.72 -1.52 13.78
C TYR A 32 -22.51 -2.40 13.50
N TYR A 33 -21.46 -2.17 14.30
CA TYR A 33 -20.37 -3.13 14.43
C TYR A 33 -20.77 -4.15 15.48
N MET A 34 -20.58 -5.43 15.17
CA MET A 34 -20.87 -6.51 16.11
C MET A 34 -19.57 -7.24 16.41
N ALA A 35 -19.14 -7.21 17.67
CA ALA A 35 -17.83 -7.72 18.05
C ALA A 35 -17.98 -8.76 19.14
N TRP A 36 -16.96 -9.60 19.25
CA TRP A 36 -16.86 -10.64 20.26
C TRP A 36 -15.58 -10.42 21.03
N PHE A 37 -15.71 -10.31 22.35
CA PHE A 37 -14.60 -10.24 23.28
C PHE A 37 -14.67 -11.44 24.21
N ARG A 38 -13.58 -11.68 24.95
CA ARG A 38 -13.55 -12.76 25.92
C ARG A 38 -12.82 -12.34 27.14
N GLN A 39 -13.13 -12.93 28.27
CA GLN A 39 -12.45 -12.66 29.54
C GLN A 39 -12.26 -13.96 30.28
N ALA A 40 -11.04 -14.23 30.72
CA ALA A 40 -10.71 -15.42 31.49
C ALA A 40 -10.33 -15.03 32.91
N PRO A 41 -10.49 -15.94 33.87
CA PRO A 41 -10.20 -15.58 35.27
C PRO A 41 -8.76 -15.10 35.43
N GLY A 42 -8.58 -14.05 36.23
CA GLY A 42 -7.26 -13.51 36.46
C GLY A 42 -6.68 -12.74 35.30
N LYS A 43 -7.48 -12.44 34.27
CA LYS A 43 -7.02 -11.75 33.09
C LYS A 43 -8.00 -10.64 32.75
N GLU A 44 -7.68 -9.87 31.72
CA GLU A 44 -8.51 -8.76 31.27
C GLU A 44 -9.32 -9.17 30.05
N ARG A 45 -10.31 -8.34 29.73
CA ARG A 45 -11.18 -8.60 28.60
C ARG A 45 -10.41 -8.47 27.29
N GLU A 46 -10.52 -9.48 26.43
CA GLU A 46 -9.71 -9.57 25.22
C GLU A 46 -10.62 -9.57 23.99
N PHE A 47 -10.19 -8.84 22.96
CA PHE A 47 -10.88 -8.85 21.69
C PHE A 47 -10.72 -10.19 20.99
N VAL A 48 -11.82 -10.68 20.41
CA VAL A 48 -11.80 -11.96 19.70
C VAL A 48 -12.01 -11.72 18.22
N ALA A 49 -13.14 -11.11 17.84
CA ALA A 49 -13.37 -10.90 16.42
C ALA A 49 -14.60 -10.01 16.20
N ALA A 50 -14.50 -9.13 15.21
CA ALA A 50 -15.56 -8.15 14.93
C ALA A 50 -16.00 -8.24 13.47
N ILE A 51 -17.23 -7.81 13.23
CA ILE A 51 -17.81 -7.78 11.89
C ILE A 51 -18.56 -6.46 11.70
N ARG A 52 -18.44 -5.89 10.51
CA ARG A 52 -19.20 -4.71 10.13
C ARG A 52 -20.45 -5.18 9.39
N LEU A 53 -21.62 -4.96 10.00
CA LEU A 53 -22.86 -5.45 9.42
C LEU A 53 -23.13 -4.80 8.06
N SER A 54 -22.88 -3.50 7.94
CA SER A 54 -23.24 -2.80 6.72
C SER A 54 -22.44 -3.31 5.52
N TYR A 55 -21.13 -3.43 5.67
CA TYR A 55 -20.26 -3.82 4.57
C TYR A 55 -19.79 -5.27 4.65
N GLY A 56 -19.97 -5.93 5.79
CA GLY A 56 -19.48 -7.27 5.97
C GLY A 56 -18.00 -7.37 6.28
N SER A 57 -17.34 -6.24 6.51
CA SER A 57 -15.92 -6.26 6.85
C SER A 57 -15.70 -7.04 8.14
N THR A 58 -14.59 -7.77 8.20
CA THR A 58 -14.30 -8.64 9.32
C THR A 58 -12.90 -8.38 9.85
N TYR A 59 -12.74 -8.49 11.17
CA TYR A 59 -11.47 -8.33 11.85
C TYR A 59 -11.31 -9.44 12.86
N TYR A 60 -10.07 -9.94 12.99
CA TYR A 60 -9.78 -11.02 13.94
C TYR A 60 -8.56 -10.64 14.77
N ALA A 61 -8.43 -11.31 15.91
CA ALA A 61 -7.23 -11.23 16.74
C ALA A 61 -6.25 -12.29 16.30
N ASP A 62 -4.96 -11.98 16.40
CA ASP A 62 -3.94 -12.91 15.95
C ASP A 62 -3.98 -14.24 16.70
N SER A 63 -4.41 -14.23 17.97
CA SER A 63 -4.47 -15.48 18.73
C SER A 63 -5.45 -16.45 18.11
N VAL A 64 -6.59 -15.94 17.60
CA VAL A 64 -7.64 -16.79 17.05
C VAL A 64 -7.67 -16.74 15.52
N ARG A 65 -6.75 -16.01 14.89
CA ARG A 65 -6.75 -15.94 13.43
C ARG A 65 -6.50 -17.31 12.82
N GLY A 66 -7.22 -17.60 11.74
CA GLY A 66 -7.10 -18.86 11.06
C GLY A 66 -7.96 -19.98 11.62
N ARG A 67 -8.50 -19.80 12.82
CA ARG A 67 -9.36 -20.79 13.47
C ARG A 67 -10.78 -20.31 13.67
N PHE A 68 -10.97 -19.03 13.99
CA PHE A 68 -12.28 -18.47 14.26
C PHE A 68 -12.78 -17.72 13.02
N THR A 69 -14.06 -17.91 12.71
CA THR A 69 -14.70 -17.22 11.60
C THR A 69 -16.01 -16.62 12.07
N ILE A 70 -16.21 -15.33 11.81
CA ILE A 70 -17.41 -14.61 12.22
C ILE A 70 -18.21 -14.29 10.96
N SER A 71 -19.49 -14.66 10.99
CA SER A 71 -20.41 -14.39 9.88
C SER A 71 -21.70 -13.81 10.41
N LYS A 72 -22.60 -13.44 9.49
CA LYS A 72 -23.89 -12.90 9.87
C LYS A 72 -25.03 -13.65 9.20
N ASP A 73 -26.10 -13.94 9.93
CA ASP A 73 -27.29 -14.55 9.35
C ASP A 73 -28.45 -13.56 9.54
N ASN A 74 -28.56 -12.63 8.59
CA ASN A 74 -29.58 -11.59 8.71
C ASN A 74 -31.00 -12.10 8.86
N ALA A 75 -31.27 -13.33 8.42
CA ALA A 75 -32.63 -13.84 8.49
C ALA A 75 -33.20 -13.78 9.90
N LYS A 76 -32.34 -13.86 10.93
CA LYS A 76 -32.79 -13.82 12.32
C LYS A 76 -32.06 -12.75 13.12
N ASN A 77 -31.39 -11.82 12.43
CA ASN A 77 -30.66 -10.74 13.12
C ASN A 77 -29.66 -11.31 14.10
N THR A 78 -28.89 -12.30 13.64
CA THR A 78 -27.89 -12.96 14.47
C THR A 78 -26.52 -12.87 13.82
N VAL A 79 -25.49 -12.85 14.66
CA VAL A 79 -24.10 -12.92 14.22
C VAL A 79 -23.50 -14.19 14.82
N ASN A 80 -22.89 -14.98 13.96
CA ASN A 80 -22.32 -16.22 14.40
C ASN A 80 -20.82 -16.21 14.46
N LEU A 81 -20.25 -17.02 15.32
CA LEU A 81 -18.80 -17.18 15.45
C LEU A 81 -18.52 -18.67 15.56
N ARG A 82 -17.86 -19.22 14.54
CA ARG A 82 -17.48 -20.62 14.53
C ARG A 82 -16.01 -20.73 14.91
N MET A 83 -15.72 -21.58 15.90
CA MET A 83 -14.39 -21.76 16.43
C MET A 83 -13.96 -23.20 16.20
N ASN A 84 -12.83 -23.37 15.51
CA ASN A 84 -12.35 -24.68 15.20
C ASN A 84 -11.01 -24.94 15.88
N SER A 85 -10.69 -26.20 16.09
CA SER A 85 -9.45 -26.60 16.75
C SER A 85 -9.24 -25.78 18.03
N LEU A 86 -10.21 -25.88 18.92
CA LEU A 86 -10.14 -25.17 20.18
C LEU A 86 -9.04 -25.75 21.05
N LYS A 87 -8.36 -24.87 21.79
CA LYS A 87 -7.28 -25.24 22.68
C LYS A 87 -7.65 -24.86 24.11
N SER A 88 -6.86 -25.31 25.06
CA SER A 88 -7.13 -24.97 26.43
C SER A 88 -7.02 -23.48 26.71
N GLU A 89 -6.37 -22.75 25.82
CA GLU A 89 -6.15 -21.32 26.02
C GLU A 89 -7.35 -20.52 25.63
N ASP A 90 -8.37 -21.17 25.11
CA ASP A 90 -9.60 -20.51 24.70
C ASP A 90 -10.66 -20.51 25.79
N THR A 91 -10.40 -21.13 26.94
CA THR A 91 -11.37 -21.14 28.02
C THR A 91 -11.60 -19.73 28.52
N ALA A 92 -12.84 -19.26 28.48
CA ALA A 92 -13.16 -17.90 28.89
C ALA A 92 -14.68 -17.74 28.92
N ILE A 93 -15.10 -16.50 29.16
CA ILE A 93 -16.49 -16.08 28.96
C ILE A 93 -16.52 -15.10 27.80
N TYR A 94 -17.35 -15.38 26.81
CA TYR A 94 -17.42 -14.60 25.58
C TYR A 94 -18.61 -13.67 25.63
N TYR A 95 -18.34 -12.38 25.38
CA TYR A 95 -19.37 -11.34 25.35
C TYR A 95 -19.47 -10.80 23.93
N CYS A 96 -20.69 -10.74 23.41
CA CYS A 96 -20.94 -10.06 22.15
C CYS A 96 -21.39 -8.64 22.44
N ALA A 97 -20.80 -7.68 21.73
CA ALA A 97 -21.06 -6.28 21.92
C ALA A 97 -21.45 -5.64 20.61
N ALA A 98 -22.27 -4.59 20.70
CA ALA A 98 -22.75 -3.87 19.52
C ALA A 98 -22.40 -2.39 19.68
N ALA A 99 -21.80 -1.82 18.63
CA ALA A 99 -21.44 -0.41 18.61
C ALA A 99 -22.10 0.25 17.41
N GLU A 100 -22.47 1.52 17.57
CA GLU A 100 -23.05 2.26 16.45
C GLU A 100 -21.95 2.67 15.48
N ASP A 101 -22.16 2.38 14.20
CA ASP A 101 -21.21 2.80 13.18
C ASP A 101 -21.13 4.31 13.12
N ARG A 102 -19.90 4.84 13.07
CA ARG A 102 -19.71 6.29 13.08
C ARG A 102 -18.23 6.59 12.83
N TRP A 103 -17.93 7.87 12.76
CA TRP A 103 -16.57 8.33 12.49
C TRP A 103 -15.63 7.95 13.62
N ALA A 104 -14.45 7.45 13.25
CA ALA A 104 -13.39 7.13 14.21
C ALA A 104 -13.87 6.13 15.26
N LEU A 105 -14.21 4.93 14.79
CA LEU A 105 -14.65 3.84 15.65
C LEU A 105 -13.50 2.86 15.82
N ALA A 106 -13.05 2.69 17.07
CA ALA A 106 -11.98 1.74 17.38
C ALA A 106 -12.62 0.37 17.61
N VAL A 107 -12.42 -0.54 16.65
CA VAL A 107 -13.13 -1.81 16.66
C VAL A 107 -12.63 -2.69 17.80
N ARG A 108 -11.32 -2.69 18.06
CA ARG A 108 -10.72 -3.62 18.99
C ARG A 108 -10.74 -3.11 20.43
N THR A 109 -11.18 -1.88 20.68
CA THR A 109 -11.22 -1.33 22.03
C THR A 109 -12.56 -1.62 22.67
N ALA A 110 -12.53 -2.25 23.85
CA ALA A 110 -13.77 -2.64 24.51
C ALA A 110 -14.63 -1.44 24.88
N THR A 111 -14.01 -0.29 25.14
CA THR A 111 -14.76 0.90 25.52
C THR A 111 -15.57 1.49 24.36
N THR A 112 -15.31 1.05 23.13
CA THR A 112 -16.04 1.56 21.98
C THR A 112 -17.48 1.08 21.93
N TYR A 113 -17.73 -0.10 22.46
CA TYR A 113 -19.03 -0.71 22.39
C TYR A 113 -19.86 -0.40 23.58
N ASN A 114 -21.08 0.04 23.36
CA ASN A 114 -21.94 0.45 24.45
C ASN A 114 -23.04 -0.55 24.76
N TYR A 115 -23.11 -1.62 23.99
CA TYR A 115 -24.08 -2.64 24.27
C TYR A 115 -23.37 -3.97 24.45
N TRP A 116 -23.59 -4.65 25.57
CA TRP A 116 -22.88 -5.88 25.86
C TRP A 116 -23.87 -6.95 26.28
N GLY A 117 -23.57 -8.19 25.92
CA GLY A 117 -24.38 -9.31 26.34
C GLY A 117 -24.02 -9.79 27.73
N GLN A 118 -24.82 -10.73 28.24
CA GLN A 118 -24.58 -11.30 29.55
C GLN A 118 -23.39 -12.24 29.57
N GLY A 119 -22.89 -12.66 28.41
CA GLY A 119 -21.73 -13.52 28.35
C GLY A 119 -22.07 -14.99 28.41
N THR A 120 -21.43 -15.79 27.56
CA THR A 120 -21.60 -17.25 27.57
C THR A 120 -20.24 -17.89 27.78
N GLN A 121 -20.18 -18.88 28.67
CA GLN A 121 -18.90 -19.45 29.08
C GLN A 121 -18.53 -20.62 28.17
N VAL A 122 -17.31 -20.57 27.63
CA VAL A 122 -16.77 -21.64 26.80
C VAL A 122 -15.57 -22.21 27.54
N THR A 123 -15.68 -23.46 27.99
CA THR A 123 -14.61 -24.14 28.70
C THR A 123 -14.09 -25.28 27.84
N VAL A 124 -12.78 -25.31 27.61
CA VAL A 124 -12.14 -26.31 26.76
C VAL A 124 -11.34 -27.24 27.67
N SER A 125 -11.70 -28.51 27.68
CA SER A 125 -11.09 -29.50 28.55
C SER A 125 -10.16 -30.39 27.73
N SER A 126 -8.92 -30.53 28.19
CA SER A 126 -7.93 -31.39 27.56
C SER A 126 -7.89 -32.72 28.30
N HIS A 127 -8.13 -33.81 27.58
CA HIS A 127 -8.16 -35.13 28.21
C HIS A 127 -6.80 -35.49 28.79
N SER B 11 36.12 5.76 -16.12
CA SER B 11 36.15 5.90 -14.67
C SER B 11 34.75 5.74 -14.09
N TRP B 12 33.75 6.21 -14.84
CA TRP B 12 32.36 6.11 -14.43
C TRP B 12 31.75 4.74 -14.69
N ILE B 13 32.41 3.92 -15.51
CA ILE B 13 31.83 2.63 -15.89
C ILE B 13 31.70 1.71 -14.69
N TYR B 14 32.73 1.64 -13.84
CA TYR B 14 32.66 0.74 -12.69
C TYR B 14 31.55 1.12 -11.73
N PRO B 15 31.51 2.34 -11.18
CA PRO B 15 30.40 2.68 -10.28
C PRO B 15 29.05 2.59 -10.96
N THR B 16 28.96 2.99 -12.23
CA THR B 16 27.68 2.91 -12.94
C THR B 16 27.20 1.46 -13.04
N VAL B 17 28.10 0.54 -13.41
CA VAL B 17 27.71 -0.85 -13.57
C VAL B 17 27.31 -1.46 -12.25
N ILE B 18 28.08 -1.19 -11.19
CA ILE B 18 27.75 -1.78 -9.89
C ILE B 18 26.42 -1.25 -9.38
N LEU B 19 26.18 0.05 -9.54
CA LEU B 19 24.94 0.61 -9.07
C LEU B 19 23.75 0.08 -9.88
N CYS B 20 23.93 -0.11 -11.18
CA CYS B 20 22.85 -0.64 -12.01
C CYS B 20 22.58 -2.08 -11.66
N LEU B 21 23.60 -2.87 -11.37
CA LEU B 21 23.38 -4.25 -10.93
C LEU B 21 22.60 -4.27 -9.63
N PHE B 22 22.99 -3.42 -8.67
CA PHE B 22 22.29 -3.36 -7.41
C PHE B 22 20.83 -2.99 -7.62
N GLY B 23 20.57 -1.96 -8.43
CA GLY B 23 19.20 -1.54 -8.66
C GLY B 23 18.37 -2.61 -9.34
N PHE B 24 18.93 -3.24 -10.37
CA PHE B 24 18.20 -4.30 -11.07
C PHE B 24 17.84 -5.43 -10.13
N PHE B 25 18.76 -5.91 -9.32
CA PHE B 25 18.44 -7.04 -8.46
C PHE B 25 17.59 -6.60 -7.28
N SER B 26 17.65 -5.37 -6.88
CA SER B 26 16.79 -4.93 -5.79
C SER B 26 15.34 -4.80 -6.23
N MET B 27 15.12 -4.33 -7.47
CA MET B 27 13.75 -4.14 -7.95
C MET B 27 13.17 -5.38 -8.61
N MET B 28 13.96 -6.42 -8.83
CA MET B 28 13.44 -7.67 -9.38
C MET B 28 12.78 -8.43 -8.25
N ARG B 29 11.46 -8.31 -8.14
CA ARG B 29 10.71 -8.89 -7.04
C ARG B 29 9.46 -9.56 -7.59
N PRO B 30 9.53 -10.85 -7.92
CA PRO B 30 8.36 -11.53 -8.49
C PRO B 30 7.15 -11.56 -7.57
N SER B 31 7.35 -11.33 -6.28
CA SER B 31 6.27 -11.42 -5.33
C SER B 31 5.46 -10.18 -5.22
N GLU B 32 5.97 -9.09 -5.72
CA GLU B 32 5.28 -7.82 -5.52
C GLU B 32 3.88 -7.86 -6.12
N PRO B 33 3.74 -8.24 -7.42
CA PRO B 33 2.39 -8.19 -7.99
C PRO B 33 1.36 -9.01 -7.24
N PHE B 34 1.77 -10.06 -6.53
CA PHE B 34 0.86 -11.00 -5.89
C PHE B 34 0.89 -10.86 -4.37
N LEU B 35 0.96 -9.63 -3.87
CA LEU B 35 0.96 -9.42 -2.43
C LEU B 35 -0.41 -9.68 -1.82
N ILE B 36 -1.45 -9.06 -2.34
CA ILE B 36 -2.78 -9.22 -1.77
C ILE B 36 -3.22 -10.68 -1.82
N PRO B 37 -3.10 -11.36 -2.97
CA PRO B 37 -3.40 -12.81 -2.95
C PRO B 37 -2.56 -13.57 -1.95
N TYR B 38 -1.36 -13.09 -1.64
CA TYR B 38 -0.50 -13.76 -0.67
C TYR B 38 -0.91 -13.43 0.76
N LEU B 39 -1.12 -12.14 1.05
CA LEU B 39 -1.50 -11.74 2.41
C LEU B 39 -2.85 -12.33 2.80
N SER B 40 -3.80 -12.33 1.88
CA SER B 40 -5.13 -12.85 2.15
C SER B 40 -5.25 -14.35 1.88
N GLY B 41 -4.16 -15.00 1.49
CA GLY B 41 -4.21 -16.41 1.17
C GLY B 41 -4.20 -17.27 2.41
N PRO B 42 -4.17 -18.59 2.19
CA PRO B 42 -4.24 -19.52 3.32
C PRO B 42 -2.99 -19.61 4.15
N ASP B 43 -1.94 -18.89 3.77
CA ASP B 43 -0.72 -18.88 4.57
C ASP B 43 -0.64 -17.70 5.52
N LYS B 44 -1.40 -16.65 5.30
CA LYS B 44 -1.40 -15.52 6.23
C LYS B 44 -2.78 -15.27 6.78
N ASN B 45 -3.81 -15.62 6.04
CA ASN B 45 -5.17 -15.51 6.52
C ASN B 45 -5.57 -14.14 7.04
N LEU B 46 -5.10 -13.07 6.40
CA LEU B 46 -5.52 -11.74 6.79
C LEU B 46 -6.74 -11.30 5.99
N THR B 47 -7.60 -10.49 6.60
CA THR B 47 -8.82 -10.07 5.95
C THR B 47 -8.57 -8.84 5.12
N SER B 48 -9.46 -8.53 4.20
CA SER B 48 -9.27 -7.40 3.33
C SER B 48 -9.43 -6.10 4.08
N ALA B 49 -10.32 -6.07 5.08
CA ALA B 49 -10.47 -4.89 5.92
C ALA B 49 -9.21 -4.64 6.74
N GLU B 50 -8.64 -5.70 7.33
CA GLU B 50 -7.42 -5.54 8.10
C GLU B 50 -6.27 -5.06 7.21
N ILE B 51 -6.17 -5.61 6.00
CA ILE B 51 -5.09 -5.22 5.10
C ILE B 51 -5.22 -3.76 4.70
N THR B 52 -6.44 -3.33 4.38
CA THR B 52 -6.64 -2.02 3.78
C THR B 52 -6.73 -0.89 4.80
N ASN B 53 -7.31 -1.18 5.97
CA ASN B 53 -7.55 -0.13 6.95
C ASN B 53 -6.66 -0.16 8.17
N GLU B 54 -5.84 -1.19 8.31
CA GLU B 54 -4.98 -1.32 9.47
C GLU B 54 -3.51 -1.48 9.13
N ILE B 55 -3.19 -2.17 8.03
CA ILE B 55 -1.82 -2.50 7.71
C ILE B 55 -1.27 -1.50 6.69
N PHE B 56 -1.91 -1.44 5.52
CA PHE B 56 -1.37 -0.61 4.44
C PHE B 56 -1.18 0.84 4.83
N PRO B 57 -2.11 1.50 5.52
CA PRO B 57 -1.90 2.93 5.83
C PRO B 57 -0.58 3.20 6.51
N VAL B 58 -0.10 2.28 7.36
CA VAL B 58 1.15 2.50 8.07
C VAL B 58 2.27 2.87 7.10
N TRP B 59 2.31 2.22 5.93
CA TRP B 59 3.37 2.51 4.98
C TRP B 59 3.49 4.01 4.71
N THR B 60 2.37 4.70 4.54
CA THR B 60 2.44 6.13 4.31
C THR B 60 3.07 6.83 5.51
N TYR B 61 2.53 6.59 6.69
CA TYR B 61 2.99 7.25 7.90
C TYR B 61 4.50 7.17 8.09
N SER B 62 5.06 5.97 8.14
CA SER B 62 6.50 5.83 8.23
C SER B 62 7.21 6.56 7.10
N TYR B 63 6.73 6.42 5.87
CA TYR B 63 7.38 7.08 4.75
C TYR B 63 7.40 8.59 4.97
N LEU B 64 6.30 9.15 5.46
CA LEU B 64 6.28 10.58 5.76
C LEU B 64 7.23 10.90 6.91
N VAL B 65 7.30 10.04 7.93
CA VAL B 65 8.11 10.32 9.09
C VAL B 65 9.60 10.23 8.75
N LEU B 66 9.98 9.23 7.97
CA LEU B 66 11.39 8.95 7.71
C LEU B 66 11.95 9.71 6.52
N LEU B 67 11.13 10.48 5.79
CA LEU B 67 11.60 11.11 4.57
C LEU B 67 12.68 12.14 4.85
N LEU B 68 12.34 13.19 5.61
CA LEU B 68 13.30 14.28 5.83
C LEU B 68 14.53 13.81 6.59
N PRO B 69 14.42 13.07 7.69
CA PRO B 69 15.65 12.58 8.34
C PRO B 69 16.57 11.83 7.39
N VAL B 70 16.02 10.87 6.66
CA VAL B 70 16.80 10.13 5.68
C VAL B 70 17.37 11.02 4.59
N PHE B 71 16.67 12.06 4.17
CA PHE B 71 17.25 12.98 3.19
C PHE B 71 18.50 13.65 3.71
N VAL B 72 18.55 13.93 5.01
CA VAL B 72 19.67 14.65 5.59
C VAL B 72 20.73 13.67 5.97
N LEU B 73 20.34 12.55 6.53
CA LEU B 73 21.33 11.52 6.78
C LEU B 73 22.05 11.14 5.49
N THR B 74 21.29 10.92 4.42
CA THR B 74 21.89 10.55 3.15
C THR B 74 22.93 11.59 2.73
N ASP B 75 22.68 12.87 3.02
CA ASP B 75 23.64 13.88 2.64
C ASP B 75 24.83 13.92 3.60
N TYR B 76 24.58 13.70 4.90
CA TYR B 76 25.67 13.83 5.87
C TYR B 76 26.54 12.58 5.87
N VAL B 77 25.96 11.44 6.24
CA VAL B 77 26.61 10.15 6.04
C VAL B 77 26.36 9.80 4.58
N ARG B 78 27.44 9.68 3.81
CA ARG B 78 27.32 9.69 2.36
C ARG B 78 26.46 8.54 1.86
N TYR B 79 26.20 8.51 0.56
CA TYR B 79 25.07 7.76 0.03
C TYR B 79 25.26 6.25 0.13
N LYS B 80 26.49 5.77 0.15
CA LYS B 80 26.71 4.35 0.16
C LYS B 80 26.14 3.72 1.41
N PRO B 81 26.48 4.25 2.58
CA PRO B 81 25.87 3.71 3.81
C PRO B 81 24.34 3.66 3.74
N VAL B 82 23.70 4.66 3.15
CA VAL B 82 22.24 4.63 3.07
C VAL B 82 21.76 3.56 2.10
N ILE B 83 22.51 3.34 1.02
CA ILE B 83 22.14 2.27 0.09
C ILE B 83 22.27 0.91 0.78
N ILE B 84 23.33 0.74 1.57
CA ILE B 84 23.50 -0.51 2.31
C ILE B 84 22.38 -0.68 3.33
N LEU B 85 21.97 0.43 3.97
CA LEU B 85 20.83 0.38 4.89
C LEU B 85 19.56 0.00 4.16
N GLN B 86 19.38 0.50 2.94
CA GLN B 86 18.22 0.12 2.14
C GLN B 86 18.24 -1.37 1.81
N GLY B 87 19.41 -1.90 1.48
CA GLY B 87 19.51 -3.33 1.23
C GLY B 87 19.19 -4.16 2.46
N ILE B 88 19.70 -3.74 3.62
CA ILE B 88 19.40 -4.42 4.87
C ILE B 88 17.91 -4.37 5.16
N SER B 89 17.30 -3.21 4.92
CA SER B 89 15.86 -3.06 5.12
C SER B 89 15.07 -3.95 4.19
N PHE B 90 15.51 -4.07 2.93
CA PHE B 90 14.89 -5.01 2.00
C PHE B 90 14.94 -6.43 2.56
N ILE B 91 16.12 -6.84 3.02
CA ILE B 91 16.28 -8.21 3.53
C ILE B 91 15.38 -8.44 4.73
N ILE B 92 15.35 -7.50 5.66
CA ILE B 92 14.52 -7.65 6.86
C ILE B 92 13.05 -7.67 6.48
N THR B 93 12.64 -6.78 5.59
CA THR B 93 11.24 -6.72 5.18
C THR B 93 10.79 -8.03 4.58
N TRP B 94 11.60 -8.61 3.69
CA TRP B 94 11.19 -9.86 3.02
C TRP B 94 11.33 -11.06 3.92
N LEU B 95 12.25 -11.03 4.87
CA LEU B 95 12.29 -12.09 5.87
C LEU B 95 11.04 -12.07 6.73
N LEU B 96 10.59 -10.90 7.14
CA LEU B 96 9.36 -10.77 7.92
C LEU B 96 8.14 -11.10 7.12
N LEU B 97 8.14 -10.79 5.82
CA LEU B 97 7.03 -11.17 4.95
C LEU B 97 6.98 -12.69 4.80
N LEU B 98 8.14 -13.32 4.64
CA LEU B 98 8.18 -14.77 4.47
C LEU B 98 7.73 -15.50 5.74
N PHE B 99 8.23 -15.05 6.90
CA PHE B 99 8.01 -15.76 8.15
C PHE B 99 7.20 -14.99 9.17
N GLY B 100 6.69 -13.83 8.85
CA GLY B 100 5.85 -13.10 9.78
C GLY B 100 4.43 -13.59 9.76
N GLN B 101 3.71 -13.43 10.86
CA GLN B 101 2.35 -13.89 10.95
C GLN B 101 1.56 -13.00 11.90
N GLY B 102 0.47 -12.41 11.44
CA GLY B 102 -0.37 -11.56 12.28
C GLY B 102 -0.42 -10.14 11.79
N VAL B 103 -1.22 -9.29 12.42
CA VAL B 103 -1.35 -7.93 11.90
C VAL B 103 -0.18 -7.06 12.35
N LYS B 104 0.29 -7.26 13.57
CA LYS B 104 1.36 -6.42 14.10
C LYS B 104 2.63 -6.63 13.31
N THR B 105 2.96 -7.86 12.99
CA THR B 105 4.14 -8.14 12.16
C THR B 105 4.01 -7.48 10.80
N MET B 106 2.80 -7.49 10.23
CA MET B 106 2.59 -6.81 8.95
C MET B 106 2.75 -5.30 9.08
N GLN B 107 2.35 -4.72 10.20
CA GLN B 107 2.57 -3.29 10.40
C GLN B 107 4.07 -2.99 10.48
N VAL B 108 4.83 -3.86 11.14
CA VAL B 108 6.29 -3.70 11.15
C VAL B 108 6.85 -3.82 9.74
N VAL B 109 6.31 -4.75 8.94
CA VAL B 109 6.74 -4.91 7.55
C VAL B 109 6.48 -3.62 6.77
N GLU B 110 5.30 -3.03 6.96
CA GLU B 110 4.99 -1.77 6.30
C GLU B 110 5.93 -0.66 6.74
N PHE B 111 6.28 -0.62 8.04
CA PHE B 111 7.24 0.38 8.50
C PHE B 111 8.57 0.21 7.81
N PHE B 112 9.05 -1.03 7.68
CA PHE B 112 10.34 -1.26 7.03
C PHE B 112 10.28 -0.96 5.54
N TYR B 113 9.17 -1.27 4.88
CA TYR B 113 9.04 -0.93 3.46
C TYR B 113 8.98 0.59 3.27
N GLY B 114 8.35 1.30 4.19
CA GLY B 114 8.40 2.76 4.15
C GLY B 114 9.82 3.27 4.34
N MET B 115 10.58 2.62 5.23
CA MET B 115 12.00 2.97 5.37
C MET B 115 12.74 2.74 4.07
N VAL B 116 12.45 1.64 3.37
CA VAL B 116 13.10 1.36 2.09
C VAL B 116 12.76 2.45 1.08
N THR B 117 11.48 2.83 1.01
CA THR B 117 11.08 3.87 0.08
C THR B 117 11.76 5.19 0.40
N ALA B 118 11.86 5.53 1.68
CA ALA B 118 12.56 6.75 2.08
C ALA B 118 14.04 6.71 1.73
N ALA B 119 14.69 5.56 1.90
CA ALA B 119 16.10 5.41 1.59
C ALA B 119 16.38 5.27 0.09
N GLU B 120 15.34 5.10 -0.72
CA GLU B 120 15.53 5.03 -2.16
C GLU B 120 16.19 6.27 -2.74
N VAL B 121 16.13 7.41 -2.04
CA VAL B 121 16.71 8.65 -2.58
C VAL B 121 18.21 8.52 -2.76
N ALA B 122 18.88 7.77 -1.88
CA ALA B 122 20.33 7.61 -2.00
C ALA B 122 20.71 6.94 -3.31
N TYR B 123 19.89 6.03 -3.80
CA TYR B 123 20.21 5.34 -5.05
C TYR B 123 20.34 6.33 -6.20
N TYR B 124 19.45 7.30 -6.28
CA TYR B 124 19.47 8.27 -7.37
C TYR B 124 20.38 9.46 -7.09
N ALA B 125 20.71 9.72 -5.83
CA ALA B 125 21.63 10.80 -5.51
C ALA B 125 23.08 10.35 -5.46
N TYR B 126 23.34 9.05 -5.51
CA TYR B 126 24.71 8.55 -5.40
C TYR B 126 25.53 8.90 -6.63
N ILE B 127 24.93 8.83 -7.80
CA ILE B 127 25.65 9.10 -9.04
C ILE B 127 26.29 10.47 -9.10
N TYR B 128 25.66 11.47 -8.48
CA TYR B 128 26.15 12.84 -8.57
C TYR B 128 27.54 12.96 -7.98
N SER B 129 27.80 12.29 -6.86
CA SER B 129 29.04 12.45 -6.11
C SER B 129 30.18 11.58 -6.63
N VAL B 130 29.94 10.75 -7.64
CA VAL B 130 30.98 9.88 -8.16
C VAL B 130 31.22 10.08 -9.66
N VAL B 131 30.19 10.47 -10.40
CA VAL B 131 30.30 10.60 -11.85
C VAL B 131 30.40 12.05 -12.24
N SER B 132 31.31 12.35 -13.14
CA SER B 132 31.53 13.72 -13.52
C SER B 132 30.28 14.28 -14.11
N PRO B 133 30.13 15.61 -14.07
CA PRO B 133 28.90 16.22 -14.55
C PRO B 133 28.64 15.81 -15.98
N GLU B 134 29.71 15.59 -16.73
CA GLU B 134 29.58 15.23 -18.14
C GLU B 134 28.78 13.98 -18.31
N HIS B 135 28.93 13.04 -17.39
CA HIS B 135 28.26 11.78 -17.52
C HIS B 135 27.01 11.71 -16.70
N TYR B 136 26.55 12.81 -16.12
CA TYR B 136 25.37 12.64 -15.30
C TYR B 136 24.19 12.11 -16.12
N GLN B 137 23.72 12.90 -17.09
CA GLN B 137 22.47 12.60 -17.78
C GLN B 137 22.40 11.12 -18.16
N ARG B 138 23.30 10.68 -19.05
CA ARG B 138 23.21 9.32 -19.54
C ARG B 138 23.19 8.33 -18.39
N VAL B 139 24.11 8.48 -17.42
CA VAL B 139 24.16 7.54 -16.32
C VAL B 139 22.81 7.48 -15.62
N SER B 140 22.24 8.66 -15.30
CA SER B 140 20.92 8.67 -14.68
C SER B 140 19.94 7.87 -15.51
N GLY B 141 19.90 8.13 -16.80
CA GLY B 141 19.04 7.38 -17.68
C GLY B 141 19.21 5.90 -17.49
N TYR B 142 20.43 5.41 -17.53
CA TYR B 142 20.70 3.99 -17.29
C TYR B 142 20.10 3.58 -15.95
N CYS B 143 20.52 4.24 -14.88
CA CYS B 143 20.02 3.89 -13.55
C CYS B 143 18.50 3.89 -13.53
N ARG B 144 17.86 4.74 -14.34
CA ARG B 144 16.41 4.69 -14.42
C ARG B 144 15.97 3.52 -15.30
N SER B 145 16.38 3.50 -16.55
CA SER B 145 15.95 2.45 -17.45
C SER B 145 16.05 1.10 -16.77
N VAL B 146 17.27 0.73 -16.38
CA VAL B 146 17.49 -0.57 -15.74
C VAL B 146 16.40 -0.83 -14.70
N THR B 147 16.23 0.08 -13.74
CA THR B 147 15.33 -0.23 -12.64
C THR B 147 13.95 -0.55 -13.20
N LEU B 148 13.42 0.26 -14.10
CA LEU B 148 12.12 0.00 -14.69
C LEU B 148 12.08 -1.38 -15.32
N ALA B 149 13.06 -1.71 -16.15
CA ALA B 149 13.09 -3.04 -16.75
C ALA B 149 13.02 -4.09 -15.68
N ALA B 150 13.83 -3.96 -14.63
CA ALA B 150 13.86 -4.98 -13.60
C ALA B 150 12.45 -5.26 -13.10
N TYR B 151 11.73 -4.21 -12.69
CA TYR B 151 10.39 -4.41 -12.19
C TYR B 151 9.55 -5.17 -13.22
N THR B 152 9.50 -4.66 -14.44
CA THR B 152 8.73 -5.33 -15.47
C THR B 152 9.13 -6.79 -15.55
N ALA B 153 10.43 -7.06 -15.66
CA ALA B 153 10.89 -8.44 -15.77
C ALA B 153 10.31 -9.27 -14.64
N GLY B 154 10.49 -8.81 -13.40
CA GLY B 154 9.98 -9.57 -12.28
C GLY B 154 8.51 -9.89 -12.46
N SER B 155 7.70 -8.87 -12.76
CA SER B 155 6.28 -9.11 -12.93
C SER B 155 6.05 -10.21 -13.95
N VAL B 156 6.65 -10.09 -15.13
CA VAL B 156 6.44 -11.12 -16.15
C VAL B 156 6.82 -12.47 -15.59
N LEU B 157 8.02 -12.55 -15.00
CA LEU B 157 8.46 -13.82 -14.45
C LEU B 157 7.43 -14.38 -13.48
N ALA B 158 6.94 -13.52 -12.57
CA ALA B 158 5.94 -13.97 -11.61
C ALA B 158 4.79 -14.66 -12.33
N GLN B 159 4.23 -13.99 -13.33
CA GLN B 159 3.10 -14.59 -14.05
C GLN B 159 3.53 -15.91 -14.69
N LEU B 160 4.68 -15.91 -15.36
CA LEU B 160 5.13 -17.13 -16.01
C LEU B 160 5.29 -18.26 -15.01
N LEU B 161 5.59 -17.92 -13.76
CA LEU B 161 5.73 -18.96 -12.74
C LEU B 161 4.38 -19.33 -12.15
N VAL B 162 3.48 -18.35 -12.02
CA VAL B 162 2.16 -18.63 -11.44
C VAL B 162 1.33 -19.45 -12.41
N SER B 163 1.39 -19.13 -13.70
CA SER B 163 0.52 -19.78 -14.69
C SER B 163 1.10 -21.10 -15.17
N LEU B 164 2.34 -21.07 -15.67
CA LEU B 164 2.91 -22.26 -16.31
C LEU B 164 3.58 -23.17 -15.29
N ALA B 165 4.42 -22.59 -14.42
CA ALA B 165 5.15 -23.41 -13.45
C ALA B 165 4.27 -23.82 -12.27
N ASN B 166 3.14 -23.17 -12.09
CA ASN B 166 2.24 -23.51 -11.00
C ASN B 166 2.94 -23.38 -9.68
N MET B 167 3.70 -22.32 -9.50
CA MET B 167 4.38 -22.10 -8.23
C MET B 167 3.45 -21.43 -7.23
N SER B 168 3.86 -21.46 -5.96
CA SER B 168 3.11 -20.82 -4.90
C SER B 168 3.64 -19.43 -4.62
N TYR B 169 2.81 -18.61 -3.98
CA TYR B 169 3.21 -17.26 -3.63
C TYR B 169 4.37 -17.24 -2.63
N PHE B 170 4.56 -18.32 -1.88
CA PHE B 170 5.67 -18.38 -0.94
C PHE B 170 7.01 -18.38 -1.67
N TYR B 171 7.13 -19.15 -2.74
CA TYR B 171 8.39 -19.23 -3.47
C TYR B 171 8.66 -17.97 -4.28
N LEU B 172 7.63 -17.23 -4.67
CA LEU B 172 7.86 -15.92 -5.25
C LEU B 172 8.54 -14.99 -4.25
N ASN B 173 8.14 -15.09 -2.99
CA ASN B 173 8.76 -14.28 -1.94
C ASN B 173 10.15 -14.79 -1.65
N VAL B 174 10.37 -16.08 -1.74
CA VAL B 174 11.72 -16.61 -1.61
C VAL B 174 12.63 -16.07 -2.70
N ILE B 175 12.14 -16.03 -3.94
CA ILE B 175 12.94 -15.50 -5.04
C ILE B 175 13.21 -14.02 -4.84
N SER B 176 12.21 -13.26 -4.36
CA SER B 176 12.42 -11.85 -4.08
C SER B 176 13.48 -11.67 -2.99
N LEU B 177 13.45 -12.51 -1.96
CA LEU B 177 14.46 -12.45 -0.91
C LEU B 177 15.85 -12.72 -1.47
N ALA B 178 15.97 -13.73 -2.33
CA ALA B 178 17.26 -14.01 -2.94
C ALA B 178 17.75 -12.84 -3.78
N SER B 179 16.84 -12.23 -4.55
CA SER B 179 17.21 -11.09 -5.37
C SER B 179 17.69 -9.91 -4.52
N VAL B 180 16.98 -9.62 -3.43
CA VAL B 180 17.40 -8.48 -2.59
C VAL B 180 18.71 -8.80 -1.88
N SER B 181 18.93 -10.07 -1.51
CA SER B 181 20.21 -10.44 -0.92
C SER B 181 21.36 -10.22 -1.91
N VAL B 182 21.15 -10.61 -3.18
CA VAL B 182 22.17 -10.37 -4.20
C VAL B 182 22.39 -8.88 -4.39
N ALA B 183 21.30 -8.10 -4.36
CA ALA B 183 21.43 -6.65 -4.50
C ALA B 183 22.26 -6.06 -3.36
N PHE B 184 22.03 -6.52 -2.13
CA PHE B 184 22.82 -6.05 -1.01
C PHE B 184 24.29 -6.43 -1.15
N LEU B 185 24.58 -7.62 -1.63
CA LEU B 185 25.96 -8.00 -1.81
C LEU B 185 26.59 -7.11 -2.83
N PHE B 186 25.90 -6.81 -3.93
CA PHE B 186 26.47 -5.87 -4.88
C PHE B 186 26.67 -4.50 -4.26
N SER B 187 25.73 -4.07 -3.41
CA SER B 187 25.84 -2.78 -2.74
C SER B 187 27.12 -2.69 -1.92
N LEU B 188 27.51 -3.78 -1.28
CA LEU B 188 28.76 -3.71 -0.50
C LEU B 188 30.00 -3.40 -1.35
N PHE B 189 29.94 -3.25 -2.67
CA PHE B 189 31.13 -3.00 -3.49
C PHE B 189 31.12 -1.66 -4.21
N LEU B 190 30.15 -0.79 -3.92
CA LEU B 190 30.15 0.51 -4.58
C LEU B 190 31.29 1.37 -4.03
N PRO B 191 31.94 2.17 -4.88
CA PRO B 191 32.96 3.09 -4.37
C PRO B 191 32.38 4.09 -3.38
N MET B 192 33.17 4.42 -2.37
CA MET B 192 32.79 5.45 -1.40
C MET B 192 32.78 6.83 -2.06
N PRO B 193 31.65 7.54 -2.08
CA PRO B 193 31.70 8.95 -2.50
C PRO B 193 32.62 9.75 -1.60
N LYS B 194 33.38 10.64 -2.20
CA LYS B 194 34.31 11.48 -1.45
C LYS B 194 33.69 12.78 -0.98
N LYS B 195 32.61 13.25 -1.62
CA LYS B 195 32.02 14.53 -1.30
C LYS B 195 30.50 14.39 -1.38
N SER B 196 29.81 15.51 -1.14
CA SER B 196 28.35 15.54 -1.15
C SER B 196 27.90 16.93 -1.55
N MET B 197 26.65 17.02 -2.01
CA MET B 197 26.16 18.27 -2.58
C MET B 197 26.12 19.39 -1.54
N PHE B 198 25.48 19.14 -0.40
CA PHE B 198 25.23 20.19 0.58
C PHE B 198 26.24 20.17 1.72
N PHE B 199 26.36 19.05 2.42
CA PHE B 199 27.21 19.02 3.61
C PHE B 199 28.68 19.08 3.24
N HIS B 200 29.07 18.44 2.14
CA HIS B 200 30.47 18.35 1.77
C HIS B 200 30.71 18.95 0.38
N ALA B 201 30.16 20.12 0.13
CA ALA B 201 30.35 20.79 -1.16
C ALA B 201 31.83 21.07 -1.40
N GLU B 271 14.47 29.56 -2.13
CA GLU B 271 13.92 30.80 -2.64
C GLU B 271 13.53 30.69 -4.12
N CYS B 272 13.70 29.49 -4.68
CA CYS B 272 13.38 29.26 -6.09
C CYS B 272 11.89 29.29 -6.34
N TYR B 273 11.10 28.96 -5.32
CA TYR B 273 9.66 28.92 -5.51
C TYR B 273 9.05 30.28 -5.80
N SER B 274 9.83 31.36 -5.69
CA SER B 274 9.33 32.68 -6.02
C SER B 274 8.72 32.70 -7.41
N SER B 275 9.33 32.01 -8.37
CA SER B 275 8.75 31.89 -9.70
C SER B 275 7.38 31.24 -9.62
N LYS B 276 6.41 31.82 -10.32
CA LYS B 276 5.05 31.31 -10.26
C LYS B 276 4.91 29.98 -10.99
N ARG B 277 5.64 29.81 -12.08
CA ARG B 277 5.51 28.59 -12.82
C ARG B 277 6.00 27.41 -11.99
N LEU B 278 7.13 27.56 -11.32
CA LEU B 278 7.65 26.49 -10.49
C LEU B 278 6.65 26.09 -9.42
N PHE B 279 6.04 27.08 -8.77
CA PHE B 279 5.05 26.78 -7.73
C PHE B 279 3.85 26.04 -8.30
N TYR B 280 3.32 26.56 -9.40
CA TYR B 280 2.16 25.96 -10.05
C TYR B 280 2.36 24.54 -10.50
N TRP B 281 3.48 24.27 -11.15
CA TRP B 281 3.78 22.93 -11.64
C TRP B 281 4.12 21.99 -10.49
N SER B 282 4.81 22.49 -9.45
CA SER B 282 5.10 21.66 -8.29
C SER B 282 3.82 21.29 -7.55
N LEU B 283 2.87 22.22 -7.45
CA LEU B 283 1.59 21.90 -6.83
C LEU B 283 0.88 20.78 -7.58
N TRP B 284 0.79 20.91 -8.90
CA TRP B 284 0.13 19.85 -9.65
C TRP B 284 0.88 18.53 -9.52
N TRP B 285 2.21 18.58 -9.58
CA TRP B 285 3.00 17.36 -9.43
C TRP B 285 2.71 16.68 -8.09
N ALA B 286 2.70 17.47 -7.01
CA ALA B 286 2.48 16.91 -5.68
C ALA B 286 1.10 16.27 -5.58
N PHE B 287 0.07 16.97 -6.06
CA PHE B 287 -1.29 16.44 -5.94
C PHE B 287 -1.46 15.17 -6.78
N ALA B 288 -0.96 15.20 -8.03
CA ALA B 288 -1.06 14.03 -8.88
C ALA B 288 -0.28 12.85 -8.30
N THR B 289 0.90 13.11 -7.74
CA THR B 289 1.68 12.04 -7.14
C THR B 289 0.97 11.44 -5.93
N ALA B 290 0.37 12.28 -5.10
CA ALA B 290 -0.40 11.77 -3.97
C ALA B 290 -1.53 10.86 -4.44
N GLY B 291 -2.29 11.33 -5.44
CA GLY B 291 -3.36 10.50 -5.96
C GLY B 291 -2.87 9.19 -6.54
N PHE B 292 -1.77 9.26 -7.31
CA PHE B 292 -1.24 8.07 -7.96
C PHE B 292 -0.77 7.04 -6.93
N ASN B 293 -0.10 7.48 -5.88
CA ASN B 293 0.40 6.56 -4.89
C ASN B 293 -0.75 6.00 -4.06
N GLN B 294 -1.77 6.80 -3.80
CA GLN B 294 -2.95 6.29 -3.10
C GLN B 294 -3.65 5.22 -3.91
N VAL B 295 -3.79 5.44 -5.23
CA VAL B 295 -4.46 4.46 -6.08
C VAL B 295 -3.64 3.19 -6.20
N LEU B 296 -2.31 3.33 -6.32
CA LEU B 296 -1.46 2.16 -6.44
C LEU B 296 -1.49 1.31 -5.19
N ASN B 297 -1.57 1.90 -4.01
CA ASN B 297 -1.51 1.06 -2.83
C ASN B 297 -2.74 0.16 -2.69
N TYR B 298 -3.88 0.49 -3.33
CA TYR B 298 -5.09 -0.29 -3.13
C TYR B 298 -5.69 -0.85 -4.42
N VAL B 299 -5.02 -0.67 -5.57
CA VAL B 299 -5.51 -1.27 -6.80
C VAL B 299 -5.63 -2.78 -6.66
N GLN B 300 -4.64 -3.41 -6.01
CA GLN B 300 -4.69 -4.86 -5.85
C GLN B 300 -5.85 -5.29 -4.97
N ILE B 301 -6.14 -4.52 -3.91
CA ILE B 301 -7.28 -4.85 -3.06
C ILE B 301 -8.58 -4.70 -3.85
N LEU B 302 -8.66 -3.68 -4.71
CA LEU B 302 -9.83 -3.55 -5.57
C LEU B 302 -9.98 -4.76 -6.49
N TRP B 303 -8.87 -5.21 -7.08
CA TRP B 303 -8.92 -6.38 -7.94
C TRP B 303 -9.38 -7.61 -7.18
N ASP B 304 -8.88 -7.79 -5.95
CA ASP B 304 -9.30 -8.92 -5.14
C ASP B 304 -10.80 -8.83 -4.83
N TYR B 305 -11.29 -7.61 -4.57
CA TYR B 305 -12.71 -7.43 -4.32
C TYR B 305 -13.54 -7.82 -5.53
N LYS B 306 -13.12 -7.37 -6.72
CA LYS B 306 -13.90 -7.68 -7.92
C LYS B 306 -13.73 -9.13 -8.36
N ALA B 307 -12.51 -9.67 -8.28
CA ALA B 307 -12.22 -11.04 -8.67
C ALA B 307 -11.49 -11.72 -7.52
N PRO B 308 -12.23 -12.37 -6.60
CA PRO B 308 -11.56 -13.08 -5.49
C PRO B 308 -10.50 -14.04 -5.99
N SER B 309 -9.30 -13.97 -5.41
CA SER B 309 -8.19 -14.79 -5.88
C SER B 309 -8.34 -16.24 -5.49
N GLN B 310 -9.21 -16.56 -4.53
CA GLN B 310 -9.36 -17.92 -4.05
C GLN B 310 -10.30 -18.76 -4.90
N ASP B 311 -10.95 -18.17 -5.91
CA ASP B 311 -11.89 -18.90 -6.74
C ASP B 311 -11.75 -18.65 -8.24
N SER B 312 -10.99 -17.63 -8.66
CA SER B 312 -10.88 -17.29 -10.07
C SER B 312 -9.42 -17.03 -10.42
N SER B 313 -9.07 -17.31 -11.67
CA SER B 313 -7.72 -17.06 -12.15
C SER B 313 -7.44 -15.57 -12.19
N ILE B 314 -6.25 -15.18 -11.74
CA ILE B 314 -5.86 -13.78 -11.64
C ILE B 314 -4.58 -13.57 -12.43
N TYR B 315 -4.43 -12.37 -12.98
CA TYR B 315 -3.33 -12.00 -13.86
C TYR B 315 -2.69 -10.71 -13.39
N ASN B 316 -2.37 -10.65 -12.12
CA ASN B 316 -1.77 -9.45 -11.55
C ASN B 316 -0.37 -9.17 -12.07
N GLY B 317 0.41 -10.21 -12.35
CA GLY B 317 1.73 -10.00 -12.90
C GLY B 317 1.71 -9.47 -14.32
N ALA B 318 0.90 -10.07 -15.18
CA ALA B 318 0.81 -9.62 -16.57
C ALA B 318 0.26 -8.21 -16.64
N VAL B 319 -0.79 -7.91 -15.86
CA VAL B 319 -1.37 -6.57 -15.87
C VAL B 319 -0.36 -5.54 -15.39
N GLU B 320 0.38 -5.87 -14.34
CA GLU B 320 1.36 -4.94 -13.81
C GLU B 320 2.51 -4.73 -14.78
N ALA B 321 2.94 -5.77 -15.50
CA ALA B 321 3.98 -5.61 -16.50
C ALA B 321 3.51 -4.76 -17.66
N ILE B 322 2.29 -5.01 -18.15
CA ILE B 322 1.77 -4.24 -19.27
C ILE B 322 1.57 -2.78 -18.88
N ALA B 323 1.06 -2.53 -17.68
CA ALA B 323 0.86 -1.16 -17.23
C ALA B 323 2.19 -0.42 -17.10
N THR B 324 3.20 -1.08 -16.54
CA THR B 324 4.52 -0.46 -16.43
C THR B 324 5.10 -0.17 -17.80
N PHE B 325 4.97 -1.11 -18.74
CA PHE B 325 5.45 -0.87 -20.09
C PHE B 325 4.72 0.30 -20.75
N GLY B 326 3.40 0.38 -20.56
CA GLY B 326 2.65 1.49 -21.11
C GLY B 326 3.08 2.82 -20.53
N GLY B 327 3.33 2.85 -19.23
CA GLY B 327 3.82 4.08 -18.61
C GLY B 327 5.18 4.50 -19.14
N ALA B 328 6.09 3.52 -19.30
CA ALA B 328 7.41 3.83 -19.84
C ALA B 328 7.29 4.35 -21.27
N VAL B 329 6.43 3.71 -22.08
CA VAL B 329 6.24 4.16 -23.45
C VAL B 329 5.65 5.57 -23.48
N ALA B 330 4.73 5.87 -22.56
CA ALA B 330 4.15 7.20 -22.48
C ALA B 330 5.21 8.24 -22.16
N ALA B 331 6.08 7.94 -21.18
CA ALA B 331 7.15 8.87 -20.84
C ALA B 331 8.10 9.07 -22.01
N PHE B 332 8.45 7.99 -22.70
CA PHE B 332 9.33 8.10 -23.86
C PHE B 332 8.69 8.94 -24.96
N ALA B 333 7.39 8.76 -25.18
CA ALA B 333 6.68 9.55 -26.19
C ALA B 333 6.68 11.03 -25.81
N VAL B 334 6.45 11.33 -24.53
CA VAL B 334 6.51 12.72 -24.08
C VAL B 334 7.89 13.29 -24.36
N GLY B 335 8.94 12.53 -24.05
CA GLY B 335 10.28 13.02 -24.29
C GLY B 335 10.59 13.26 -25.76
N TYR B 336 10.15 12.33 -26.62
CA TYR B 336 10.52 12.40 -28.03
C TYR B 336 9.81 13.55 -28.74
N VAL B 337 8.50 13.68 -28.54
CA VAL B 337 7.73 14.68 -29.26
C VAL B 337 8.04 16.06 -28.70
N LYS B 338 8.32 17.01 -29.59
CA LYS B 338 8.64 18.38 -29.22
C LYS B 338 7.42 19.24 -29.45
N VAL B 339 6.95 19.90 -28.39
CA VAL B 339 5.81 20.81 -28.49
C VAL B 339 5.94 21.82 -27.35
N ASN B 340 5.40 23.01 -27.60
CA ASN B 340 5.46 24.08 -26.62
C ASN B 340 4.60 23.79 -25.44
N TRP B 341 5.23 23.39 -24.35
CA TRP B 341 4.41 23.04 -23.20
C TRP B 341 3.98 24.25 -22.39
N ASP B 342 4.60 25.42 -22.59
CA ASP B 342 4.19 26.59 -21.84
C ASP B 342 2.74 26.97 -22.13
N LEU B 343 2.29 26.75 -23.36
CA LEU B 343 0.93 27.09 -23.76
C LEU B 343 -0.01 25.88 -23.65
N LEU B 344 0.35 24.77 -24.28
CA LEU B 344 -0.52 23.60 -24.31
C LEU B 344 -0.43 22.75 -23.03
N GLY B 345 0.46 23.11 -22.10
CA GLY B 345 0.67 22.26 -20.95
C GLY B 345 -0.56 22.15 -20.06
N GLU B 346 -1.18 23.29 -19.75
CA GLU B 346 -2.36 23.28 -18.90
C GLU B 346 -3.49 22.50 -19.55
N LEU B 347 -3.71 22.71 -20.85
CA LEU B 347 -4.79 22.00 -21.54
C LEU B 347 -4.55 20.49 -21.54
N ALA B 348 -3.35 20.08 -21.96
CA ALA B 348 -3.06 18.65 -22.01
C ALA B 348 -3.11 18.02 -20.64
N LEU B 349 -2.62 18.73 -19.62
CA LEU B 349 -2.61 18.18 -18.27
C LEU B 349 -4.02 18.05 -17.72
N VAL B 350 -4.88 19.03 -18.00
CA VAL B 350 -6.28 18.91 -17.59
C VAL B 350 -6.93 17.72 -18.29
N VAL B 351 -6.65 17.54 -19.58
CA VAL B 351 -7.23 16.42 -20.30
C VAL B 351 -6.77 15.09 -19.71
N PHE B 352 -5.48 14.97 -19.40
CA PHE B 352 -4.98 13.73 -18.82
C PHE B 352 -5.52 13.50 -17.42
N SER B 353 -5.77 14.55 -16.66
CA SER B 353 -6.34 14.40 -15.32
C SER B 353 -7.76 13.94 -15.45
N VAL B 354 -8.49 14.45 -16.44
CA VAL B 354 -9.84 13.99 -16.69
C VAL B 354 -9.84 12.53 -17.10
N VAL B 355 -8.84 12.12 -17.89
CA VAL B 355 -8.77 10.71 -18.32
C VAL B 355 -8.47 9.81 -17.13
N ASN B 356 -7.63 10.27 -16.21
CA ASN B 356 -7.34 9.51 -14.98
C ASN B 356 -8.58 9.38 -14.13
N ALA B 357 -9.37 10.45 -14.03
CA ALA B 357 -10.62 10.40 -13.28
C ALA B 357 -11.62 9.44 -13.93
N GLY B 358 -11.75 9.50 -15.25
CA GLY B 358 -12.66 8.59 -15.93
C GLY B 358 -12.25 7.14 -15.79
N SER B 359 -10.94 6.87 -15.89
CA SER B 359 -10.46 5.50 -15.72
C SER B 359 -10.75 5.00 -14.32
N LEU B 360 -10.54 5.84 -13.30
CA LEU B 360 -10.83 5.44 -11.93
C LEU B 360 -12.32 5.20 -11.73
N PHE B 361 -13.17 6.04 -12.34
CA PHE B 361 -14.61 5.80 -12.28
C PHE B 361 -14.97 4.48 -12.92
N LEU B 362 -14.31 4.13 -14.03
CA LEU B 362 -14.56 2.85 -14.68
C LEU B 362 -14.14 1.68 -13.78
N MET B 363 -13.00 1.81 -13.11
CA MET B 363 -12.60 0.76 -12.18
C MET B 363 -13.61 0.60 -11.06
N HIS B 364 -14.11 1.71 -10.52
CA HIS B 364 -15.06 1.65 -9.42
C HIS B 364 -16.38 1.02 -9.85
N TYR B 365 -16.95 1.51 -10.95
CA TYR B 365 -18.31 1.10 -11.33
C TYR B 365 -18.33 -0.27 -11.98
N THR B 366 -17.34 -0.56 -12.83
CA THR B 366 -17.39 -1.77 -13.65
C THR B 366 -17.30 -3.02 -12.78
N ALA B 367 -18.15 -4.01 -13.08
CA ALA B 367 -18.11 -5.30 -12.43
C ALA B 367 -17.24 -6.30 -13.18
N ASN B 368 -16.75 -5.97 -14.37
CA ASN B 368 -15.88 -6.87 -15.12
C ASN B 368 -14.46 -6.67 -14.68
N ILE B 369 -13.75 -7.76 -14.47
CA ILE B 369 -12.35 -7.68 -14.04
C ILE B 369 -11.47 -7.19 -15.18
N TRP B 370 -11.78 -7.59 -16.42
CA TRP B 370 -10.99 -7.12 -17.56
C TRP B 370 -11.16 -5.61 -17.74
N ALA B 371 -12.36 -5.10 -17.50
CA ALA B 371 -12.55 -3.66 -17.55
C ALA B 371 -11.73 -2.96 -16.46
N CYS B 372 -11.62 -3.53 -15.28
CA CYS B 372 -10.81 -2.94 -14.23
C CYS B 372 -9.33 -3.02 -14.57
N TYR B 373 -8.87 -4.07 -15.24
CA TYR B 373 -7.49 -4.12 -15.72
C TYR B 373 -7.23 -3.05 -16.77
N ALA B 374 -8.16 -2.89 -17.71
CA ALA B 374 -8.01 -1.86 -18.73
C ALA B 374 -8.00 -0.48 -18.12
N GLY B 375 -8.86 -0.24 -17.12
CA GLY B 375 -8.86 1.02 -16.43
C GLY B 375 -7.54 1.30 -15.73
N TYR B 376 -6.97 0.27 -15.10
CA TYR B 376 -5.67 0.44 -14.45
C TYR B 376 -4.59 0.78 -15.48
N LEU B 377 -4.60 0.08 -16.61
CA LEU B 377 -3.64 0.36 -17.67
C LEU B 377 -3.75 1.81 -18.13
N ILE B 378 -4.98 2.24 -18.41
CA ILE B 378 -5.20 3.61 -18.88
C ILE B 378 -4.76 4.61 -17.82
N PHE B 379 -5.10 4.36 -16.56
CA PHE B 379 -4.73 5.29 -15.50
C PHE B 379 -3.23 5.42 -15.38
N LYS B 380 -2.51 4.28 -15.39
CA LYS B 380 -1.06 4.34 -15.26
C LYS B 380 -0.42 5.06 -16.45
N SER B 381 -0.85 4.73 -17.67
CA SER B 381 -0.28 5.37 -18.84
C SER B 381 -0.55 6.87 -18.85
N SER B 382 -1.78 7.28 -18.53
CA SER B 382 -2.12 8.69 -18.52
C SER B 382 -1.42 9.43 -17.39
N TYR B 383 -1.26 8.80 -16.22
CA TYR B 383 -0.54 9.46 -15.15
C TYR B 383 0.92 9.66 -15.52
N MET B 384 1.53 8.69 -16.21
CA MET B 384 2.90 8.89 -16.67
C MET B 384 2.98 10.01 -17.69
N LEU B 385 2.03 10.04 -18.64
CA LEU B 385 1.94 11.17 -19.56
C LEU B 385 1.88 12.50 -18.81
N LEU B 386 1.11 12.54 -17.72
CA LEU B 386 1.00 13.73 -16.88
C LEU B 386 2.32 14.08 -16.20
N ILE B 387 2.88 13.13 -15.45
CA ILE B 387 4.01 13.43 -14.58
C ILE B 387 5.25 13.73 -15.39
N THR B 388 5.39 13.14 -16.57
CA THR B 388 6.53 13.47 -17.42
C THR B 388 6.51 14.94 -17.80
N ILE B 389 5.36 15.45 -18.23
CA ILE B 389 5.25 16.87 -18.58
C ILE B 389 5.45 17.73 -17.35
N ALA B 390 4.87 17.32 -16.21
CA ALA B 390 5.02 18.11 -14.99
C ALA B 390 6.49 18.23 -14.59
N VAL B 391 7.21 17.11 -14.61
CA VAL B 391 8.62 17.12 -14.23
C VAL B 391 9.45 17.90 -15.24
N PHE B 392 9.11 17.79 -16.52
CA PHE B 392 9.84 18.56 -17.54
C PHE B 392 9.65 20.05 -17.31
N GLN B 393 8.44 20.47 -16.97
CA GLN B 393 8.20 21.90 -16.76
C GLN B 393 8.86 22.39 -15.48
N ILE B 394 8.85 21.57 -14.42
CA ILE B 394 9.51 21.96 -13.18
C ILE B 394 11.01 22.11 -13.39
N ALA B 395 11.62 21.17 -14.10
CA ALA B 395 13.07 21.05 -14.19
C ALA B 395 13.65 21.79 -15.39
N VAL B 396 12.88 22.67 -16.04
CA VAL B 396 13.36 23.31 -17.26
C VAL B 396 14.52 24.25 -16.97
N ASN B 397 14.45 24.95 -15.85
CA ASN B 397 15.50 25.92 -15.52
C ASN B 397 16.23 25.65 -14.20
N LEU B 398 15.89 24.57 -13.51
CA LEU B 398 16.53 24.28 -12.25
C LEU B 398 17.92 23.66 -12.46
N ASN B 399 18.84 23.94 -11.55
CA ASN B 399 20.16 23.37 -11.65
C ASN B 399 20.16 21.99 -11.08
N VAL B 400 21.24 21.26 -11.31
CA VAL B 400 21.35 19.89 -10.83
C VAL B 400 21.35 19.86 -9.30
N GLU B 401 22.07 20.80 -8.68
CA GLU B 401 22.10 20.86 -7.22
C GLU B 401 20.71 21.14 -6.66
N ARG B 402 19.96 22.07 -7.27
CA ARG B 402 18.61 22.44 -6.80
C ARG B 402 17.54 21.42 -7.09
N TYR B 403 17.77 20.57 -8.09
CA TYR B 403 16.83 19.47 -8.31
C TYR B 403 16.56 18.71 -7.03
N ALA B 404 17.62 18.35 -6.31
CA ALA B 404 17.46 17.50 -5.13
C ALA B 404 16.50 18.13 -4.13
N LEU B 405 16.76 19.39 -3.75
CA LEU B 405 15.94 20.01 -2.71
C LEU B 405 14.54 20.31 -3.21
N VAL B 406 14.40 20.76 -4.47
CA VAL B 406 13.06 21.08 -4.97
C VAL B 406 12.20 19.83 -5.02
N PHE B 407 12.74 18.73 -5.56
CA PHE B 407 11.95 17.50 -5.64
C PHE B 407 11.76 16.87 -4.28
N GLY B 408 12.70 17.06 -3.35
CA GLY B 408 12.47 16.60 -1.98
C GLY B 408 11.31 17.31 -1.33
N ILE B 409 11.24 18.63 -1.49
CA ILE B 409 10.11 19.38 -0.95
C ILE B 409 8.82 18.95 -1.62
N ASN B 410 8.84 18.71 -2.92
CA ASN B 410 7.63 18.33 -3.64
C ASN B 410 7.14 16.94 -3.24
N THR B 411 8.06 16.01 -3.02
CA THR B 411 7.64 14.69 -2.57
C THR B 411 7.20 14.72 -1.11
N PHE B 412 7.80 15.57 -0.28
CA PHE B 412 7.32 15.70 1.09
C PHE B 412 5.91 16.26 1.13
N ILE B 413 5.61 17.27 0.32
CA ILE B 413 4.26 17.82 0.29
C ILE B 413 3.28 16.78 -0.25
N ALA B 414 3.69 16.02 -1.26
CA ALA B 414 2.84 14.95 -1.78
C ALA B 414 2.56 13.91 -0.70
N LEU B 415 3.58 13.57 0.10
CA LEU B 415 3.39 12.62 1.18
C LEU B 415 2.45 13.18 2.24
N VAL B 416 2.55 14.48 2.53
CA VAL B 416 1.65 15.09 3.49
C VAL B 416 0.21 14.99 3.01
N ILE B 417 -0.01 15.30 1.72
CA ILE B 417 -1.36 15.22 1.17
C ILE B 417 -1.87 13.79 1.21
N GLN B 418 -1.03 12.83 0.83
CA GLN B 418 -1.43 11.43 0.83
C GLN B 418 -1.74 10.96 2.26
N THR B 419 -0.98 11.45 3.23
CA THR B 419 -1.21 11.07 4.63
C THR B 419 -2.50 11.65 5.13
N ILE B 420 -2.81 12.88 4.76
CA ILE B 420 -4.10 13.45 5.14
C ILE B 420 -5.24 12.64 4.54
N MET B 421 -5.11 12.29 3.25
CA MET B 421 -6.16 11.52 2.59
C MET B 421 -6.31 10.14 3.24
N THR B 422 -5.20 9.50 3.58
CA THR B 422 -5.25 8.18 4.21
C THR B 422 -5.89 8.26 5.58
N VAL B 423 -5.54 9.27 6.37
CA VAL B 423 -6.12 9.41 7.70
C VAL B 423 -7.62 9.64 7.60
N ILE B 424 -8.04 10.52 6.70
CA ILE B 424 -9.46 10.83 6.58
C ILE B 424 -10.23 9.64 6.02
N VAL B 425 -9.71 9.05 4.93
CA VAL B 425 -10.49 8.10 4.16
C VAL B 425 -10.19 6.66 4.59
N VAL B 426 -8.94 6.23 4.42
CA VAL B 426 -8.63 4.81 4.57
C VAL B 426 -8.48 4.41 6.03
N ASP B 427 -7.87 5.26 6.86
CA ASP B 427 -7.52 4.85 8.21
C ASP B 427 -8.77 4.50 9.01
N GLN B 428 -8.59 3.59 9.96
CA GLN B 428 -9.69 3.18 10.84
C GLN B 428 -10.17 4.32 11.72
N ARG B 429 -9.36 5.36 11.90
CA ARG B 429 -9.75 6.51 12.71
C ARG B 429 -10.43 7.59 11.88
N GLY B 430 -10.65 7.36 10.59
CA GLY B 430 -11.40 8.28 9.75
C GLY B 430 -12.73 7.68 9.33
N LEU B 431 -13.04 7.76 8.03
CA LEU B 431 -14.26 7.14 7.53
C LEU B 431 -14.17 5.62 7.48
N ASN B 432 -12.95 5.07 7.47
CA ASN B 432 -12.75 3.63 7.39
C ASN B 432 -13.49 3.05 6.20
N LEU B 433 -13.42 3.72 5.05
CA LEU B 433 -14.13 3.29 3.86
C LEU B 433 -13.53 2.01 3.31
N PRO B 434 -14.35 1.07 2.84
CA PRO B 434 -13.80 -0.10 2.14
C PRO B 434 -13.30 0.27 0.76
N VAL B 435 -12.54 -0.63 0.16
CA VAL B 435 -12.00 -0.40 -1.18
C VAL B 435 -13.12 -0.26 -2.21
N SER B 436 -14.33 -0.73 -1.90
CA SER B 436 -15.44 -0.60 -2.82
C SER B 436 -15.94 0.83 -2.96
N ILE B 437 -15.48 1.75 -2.12
CA ILE B 437 -15.92 3.15 -2.18
C ILE B 437 -14.71 4.05 -2.32
N GLN B 438 -13.53 3.54 -2.04
CA GLN B 438 -12.36 4.38 -2.09
C GLN B 438 -12.08 4.90 -3.49
N PHE B 439 -12.29 4.08 -4.52
CA PHE B 439 -11.97 4.52 -5.87
C PHE B 439 -12.97 5.54 -6.39
N LEU B 440 -14.21 5.55 -5.88
CA LEU B 440 -15.09 6.68 -6.13
C LEU B 440 -14.47 7.97 -5.61
N VAL B 441 -13.92 7.93 -4.39
CA VAL B 441 -13.27 9.10 -3.83
C VAL B 441 -12.05 9.49 -4.65
N TYR B 442 -11.27 8.52 -5.11
CA TYR B 442 -10.08 8.85 -5.90
C TYR B 442 -10.44 9.46 -7.24
N GLY B 443 -11.45 8.91 -7.93
CA GLY B 443 -11.91 9.51 -9.15
C GLY B 443 -12.44 10.92 -8.94
N SER B 444 -13.20 11.12 -7.87
CA SER B 444 -13.67 12.47 -7.54
C SER B 444 -12.49 13.39 -7.24
N TYR B 445 -11.45 12.86 -6.59
CA TYR B 445 -10.27 13.66 -6.28
C TYR B 445 -9.58 14.15 -7.54
N PHE B 446 -9.39 13.26 -8.51
CA PHE B 446 -8.75 13.67 -9.76
C PHE B 446 -9.64 14.64 -10.54
N ALA B 447 -10.95 14.38 -10.58
CA ALA B 447 -11.86 15.30 -11.25
C ALA B 447 -11.83 16.67 -10.60
N VAL B 448 -11.69 16.71 -9.27
CA VAL B 448 -11.66 17.97 -8.55
C VAL B 448 -10.37 18.71 -8.84
N ILE B 449 -9.24 18.00 -8.88
CA ILE B 449 -7.99 18.65 -9.28
C ILE B 449 -8.15 19.29 -10.64
N ALA B 450 -8.71 18.53 -11.60
CA ALA B 450 -8.90 19.07 -12.93
C ALA B 450 -9.80 20.30 -12.92
N GLY B 451 -10.89 20.23 -12.17
CA GLY B 451 -11.83 21.34 -12.14
C GLY B 451 -11.21 22.61 -11.57
N ILE B 452 -10.50 22.48 -10.44
CA ILE B 452 -9.88 23.67 -9.85
C ILE B 452 -8.81 24.24 -10.77
N PHE B 453 -7.95 23.37 -11.32
CA PHE B 453 -6.87 23.89 -12.15
C PHE B 453 -7.40 24.51 -13.45
N LEU B 454 -8.57 24.05 -13.92
CA LEU B 454 -9.17 24.66 -15.10
C LEU B 454 -9.54 26.11 -14.85
N MET B 455 -9.77 26.45 -13.62
CA MET B 455 -10.15 27.80 -13.30
C MET B 455 -9.06 28.86 -13.46
N ARG B 456 -9.37 30.08 -13.12
CA ARG B 456 -8.47 31.22 -13.23
C ARG B 456 -8.35 31.71 -14.67
N SER B 457 -9.04 31.09 -15.63
CA SER B 457 -8.91 31.52 -17.02
C SER B 457 -9.35 32.97 -17.19
N MET B 458 -10.53 33.28 -16.67
CA MET B 458 -11.07 34.61 -16.90
C MET B 458 -11.06 35.51 -15.69
N TYR B 459 -11.56 36.71 -15.88
CA TYR B 459 -11.67 37.71 -14.80
C TYR B 459 -10.30 38.27 -14.43
C1 NAG C . -4.98 -20.22 7.41
C2 NAG C . -4.17 -21.12 8.26
C3 NAG C . -4.39 -22.52 7.78
C4 NAG C . -5.83 -22.86 7.78
C5 NAG C . -6.61 -21.91 6.96
C6 NAG C . -8.08 -22.23 7.18
C7 NAG C . -2.10 -20.01 8.81
C8 NAG C . -2.79 -19.46 10.01
N2 NAG C . -2.79 -20.82 8.05
O3 NAG C . -3.76 -23.42 8.67
O4 NAG C . -5.94 -24.15 7.20
O5 NAG C . -6.32 -20.62 7.43
O6 NAG C . -8.94 -21.20 6.68
O7 NAG C . -0.96 -19.72 8.56
C14 A1H5D D . 4.43 0.05 -8.17
C13 A1H5D D . 2.67 -2.59 -1.13
C12 A1H5D D . 5.75 -0.94 -5.71
C11 A1H5D D . 1.33 -2.89 -4.58
C06 A1H5D D . 2.07 -0.72 -3.59
C07 A1H5D D . 3.49 -0.77 -4.09
C08 A1H5D D . 1.53 -2.11 -3.30
C09 A1H5D D . 3.57 0.00 -5.40
C10 A1H5D D . 4.99 0.93 -7.06
C15 A1H5D D . 7.08 -0.81 -6.43
C16 A1H5D D . 3.63 -3.25 -0.44
C17 A1H5D D . 1.87 -1.73 -0.49
C18 A1H5D D . 3.77 -3.03 0.91
C19 A1H5D D . 4.49 -4.14 -1.05
C20 A1H5D D . 2.01 -1.52 0.84
C21 A1H5D D . 4.73 -3.68 1.64
C22 A1H5D D . 5.45 -4.79 -0.33
C23 A1H5D D . 5.57 -4.57 1.01
N03 A1H5D D . 4.95 0.27 -5.76
N04 A1H5D D . 2.50 -2.82 -2.54
N05 A1H5D D . 2.95 -2.18 1.52
O02 A1H5D D . 5.11 0.33 -9.35
CL01 A1H5D D . 6.83 -5.44 1.88
#